data_6D7V
#
_entry.id   6D7V
#
_cell.length_a   144.350
_cell.length_b   144.350
_cell.length_c   113.370
_cell.angle_alpha   90.00
_cell.angle_beta   90.00
_cell.angle_gamma   90.00
#
_symmetry.space_group_name_H-M   'P 4 21 2'
#
loop_
_entity.id
_entity.type
_entity.pdbx_description
1 polymer 'Transient receptor potential cation channel subfamily V member 6'
2 non-polymer '2-aminoethyl (4-bromophenyl)phenylborinate'
3 non-polymer 'CALCIUM ION'
#
_entity_poly.entity_id   1
_entity_poly.type   'polypeptide(L)'
_entity_poly.pdbx_seq_one_letter_code
;MGWSLPKEKGLILCLWNKFCRWFHRRESWAQSRDEQNLLQQKRIWESPLLLAAKENNVQALYKLLKFEGCEVHQKGAMGE
TALHIAALYDNNEAAQVLMEAAPELVFEPMTSELYEGQTALHIAVINQNVNLVRALLARGASVSARATGSVFHYRPHNLI
YYGEHPLSFAACVGSEEIVRLLIEHGADIRAQDSLGNTVLHILILQPNKTFACQMYNLLLSYDGGDHLKSLELVPNNQGL
TPFKLAGVEGNIVMFQHLMQKRKHIQWTYGPLTSTLYDLTEIDSSGDDQSLLELIVTTKKREARQILDQTPVKELVSLKW
KRYGRPYFCVLGAIYVLYIICFTMCCVYRPLKPRITNRTNPRDNTLLQQKLLQEAYVTPKDDLRLVGELVSIVGAVIILL
VEIPDIFRLGVTRFFGQTILGGPFHVIIVTYAFMVLVTMVMRLTNSDGEVVPMSFALVLGWCNVMYFARGFQMLGPFTIM
IQKMIFGDLMRFCWLMAVVILGFASAFYIIFQTEDPDELGHFYDYPMALFSTFELFLTIIDGPANYDVDLPFMYSITYAA
FAIIATLLMLNLLIAMMGDTHWRVAHERDELWRAQVVATTVMLERKLPRCLWPRSGICGREYGLGDRWFLRVEDRQDLNR
QRIRRYAQAFQQQDDLYSEDLEKDSGEKLVPR
;
_entity_poly.pdbx_strand_id   A
#
loop_
_chem_comp.id
_chem_comp.type
_chem_comp.name
_chem_comp.formula
CA non-polymer 'CALCIUM ION' 'Ca 2'
FYY non-polymer '2-aminoethyl (4-bromophenyl)phenylborinate' 'C14 H15 B Br N O'
#
# COMPACT_ATOMS: atom_id res chain seq x y z
N SER A 28 2.00 25.56 -12.51
CA SER A 28 1.80 24.56 -11.48
C SER A 28 0.90 25.10 -10.37
N TRP A 29 0.39 24.18 -9.54
CA TRP A 29 -0.48 24.58 -8.42
C TRP A 29 0.30 24.96 -7.17
N ALA A 30 1.47 24.35 -6.96
CA ALA A 30 2.27 24.68 -5.79
C ALA A 30 2.81 26.10 -5.84
N GLN A 31 2.81 26.74 -7.01
CA GLN A 31 3.28 28.11 -7.12
C GLN A 31 2.15 29.13 -7.04
N SER A 32 0.92 28.71 -7.38
CA SER A 32 -0.21 29.63 -7.33
C SER A 32 -0.47 30.11 -5.91
N ARG A 33 -0.45 29.19 -4.95
CA ARG A 33 -0.59 29.58 -3.55
C ARG A 33 0.60 30.42 -3.08
N ASP A 34 1.80 30.15 -3.62
CA ASP A 34 2.95 30.99 -3.29
C ASP A 34 2.75 32.41 -3.80
N GLU A 35 2.15 32.56 -4.99
CA GLU A 35 1.92 33.88 -5.55
C GLU A 35 0.80 34.60 -4.80
N GLN A 36 -0.30 33.90 -4.54
CA GLN A 36 -1.41 34.53 -3.84
C GLN A 36 -1.03 34.90 -2.41
N ASN A 37 -0.15 34.12 -1.78
CA ASN A 37 0.36 34.51 -0.47
C ASN A 37 1.17 35.79 -0.55
N LEU A 38 1.74 36.09 -1.72
CA LEU A 38 2.42 37.36 -1.93
C LEU A 38 1.50 38.44 -2.47
N LEU A 39 0.52 38.06 -3.30
CA LEU A 39 -0.46 39.04 -3.76
C LEU A 39 -1.34 39.51 -2.61
N GLN A 40 -1.54 38.67 -1.60
CA GLN A 40 -2.22 39.11 -0.39
C GLN A 40 -1.42 40.21 0.30
N GLN A 41 -0.12 39.96 0.53
CA GLN A 41 0.72 40.94 1.20
C GLN A 41 0.77 42.25 0.44
N LYS A 42 0.66 42.22 -0.89
CA LYS A 42 0.54 43.45 -1.65
C LYS A 42 -0.74 44.19 -1.29
N ARG A 43 -1.89 43.50 -1.40
CA ARG A 43 -3.16 44.14 -1.08
C ARG A 43 -3.24 44.50 0.40
N ILE A 44 -2.59 43.73 1.27
CA ILE A 44 -2.48 44.14 2.67
C ILE A 44 -1.65 45.41 2.78
N TRP A 45 -0.48 45.43 2.15
CA TRP A 45 0.34 46.63 2.13
C TRP A 45 -0.35 47.76 1.40
N GLU A 46 -1.12 47.45 0.35
CA GLU A 46 -1.81 48.50 -0.38
C GLU A 46 -3.01 49.04 0.40
N SER A 47 -3.86 48.15 0.90
CA SER A 47 -5.02 48.58 1.67
C SER A 47 -4.58 49.00 3.06
N PRO A 48 -4.72 50.29 3.43
CA PRO A 48 -4.31 50.70 4.78
C PRO A 48 -5.20 50.14 5.87
N LEU A 49 -6.47 49.86 5.55
CA LEU A 49 -7.33 49.20 6.52
C LEU A 49 -6.81 47.80 6.84
N LEU A 50 -6.54 47.00 5.81
CA LEU A 50 -5.95 45.69 6.02
C LEU A 50 -4.54 45.78 6.59
N LEU A 51 -3.84 46.90 6.38
CA LEU A 51 -2.49 47.07 6.90
C LEU A 51 -2.52 47.34 8.40
N ALA A 52 -3.35 48.30 8.83
CA ALA A 52 -3.47 48.58 10.26
C ALA A 52 -4.07 47.39 11.00
N ALA A 53 -4.90 46.60 10.33
CA ALA A 53 -5.40 45.38 10.93
C ALA A 53 -4.30 44.33 11.07
N LYS A 54 -3.34 44.32 10.14
CA LYS A 54 -2.21 43.41 10.26
C LYS A 54 -1.24 43.89 11.34
N GLU A 55 -0.78 45.13 11.22
CA GLU A 55 0.16 45.69 12.20
C GLU A 55 -0.49 45.98 13.54
N ASN A 56 -1.78 45.68 13.71
CA ASN A 56 -2.48 45.91 14.97
C ASN A 56 -2.35 47.36 15.42
N ASN A 57 -2.49 48.28 14.47
CA ASN A 57 -2.33 49.71 14.73
C ASN A 57 -3.69 50.25 15.14
N VAL A 58 -3.94 50.26 16.46
CA VAL A 58 -5.21 50.75 16.98
C VAL A 58 -5.42 52.21 16.61
N GLN A 59 -4.36 53.02 16.69
CA GLN A 59 -4.44 54.43 16.34
C GLN A 59 -4.48 54.66 14.83
N ALA A 60 -4.60 53.61 14.03
CA ALA A 60 -4.73 53.74 12.59
C ALA A 60 -6.01 53.14 12.02
N LEU A 61 -6.74 52.33 12.79
CA LEU A 61 -8.03 51.83 12.34
C LEU A 61 -9.12 52.88 12.53
N TYR A 62 -9.16 53.52 13.69
CA TYR A 62 -10.14 54.56 13.94
C TYR A 62 -9.93 55.76 13.04
N LYS A 63 -8.68 56.02 12.63
CA LYS A 63 -8.41 57.02 11.61
C LYS A 63 -8.96 56.60 10.26
N LEU A 64 -9.33 55.32 10.11
CA LEU A 64 -9.80 54.79 8.85
C LEU A 64 -11.22 54.23 8.92
N LEU A 65 -11.89 54.34 10.07
CA LEU A 65 -13.22 53.77 10.20
C LEU A 65 -14.21 54.78 10.78
N LYS A 66 -13.73 55.63 11.70
CA LYS A 66 -14.60 56.57 12.38
C LYS A 66 -14.48 57.99 11.82
N PHE A 67 -13.27 58.51 11.70
CA PHE A 67 -13.08 59.86 11.18
C PHE A 67 -13.35 59.86 9.68
N GLU A 68 -12.51 59.16 8.95
CA GLU A 68 -12.65 58.97 7.51
C GLU A 68 -13.15 57.55 7.27
N GLY A 69 -14.43 57.43 6.92
CA GLY A 69 -15.03 56.12 6.74
C GLY A 69 -14.51 55.36 5.54
N CYS A 70 -13.48 54.53 5.74
CA CYS A 70 -12.98 53.70 4.66
C CYS A 70 -13.85 52.45 4.51
N GLU A 71 -13.54 51.67 3.49
CA GLU A 71 -14.32 50.47 3.18
C GLU A 71 -14.04 49.40 4.23
N VAL A 72 -14.84 49.39 5.29
CA VAL A 72 -14.61 48.44 6.39
C VAL A 72 -14.82 47.00 5.94
N HIS A 73 -15.58 46.78 4.87
CA HIS A 73 -15.75 45.44 4.29
C HIS A 73 -14.72 45.16 3.20
N GLN A 74 -13.47 45.59 3.40
CA GLN A 74 -12.47 45.53 2.34
C GLN A 74 -12.06 44.10 2.09
N LYS A 75 -12.38 43.59 0.91
CA LYS A 75 -11.97 42.25 0.49
C LYS A 75 -10.56 42.32 -0.06
N GLY A 76 -9.61 41.67 0.61
CA GLY A 76 -8.24 41.65 0.13
C GLY A 76 -8.04 40.74 -1.07
N ALA A 77 -6.80 40.34 -1.31
CA ALA A 77 -6.52 39.45 -2.44
C ALA A 77 -7.19 38.09 -2.23
N MET A 78 -7.06 37.53 -1.02
CA MET A 78 -7.65 36.24 -0.68
C MET A 78 -9.08 36.35 -0.19
N GLY A 79 -9.87 37.28 -0.73
CA GLY A 79 -11.23 37.47 -0.27
C GLY A 79 -11.37 37.70 1.22
N GLU A 80 -10.30 38.11 1.90
CA GLU A 80 -10.31 38.28 3.34
C GLU A 80 -10.80 39.67 3.72
N THR A 81 -11.29 39.79 4.95
CA THR A 81 -11.69 41.07 5.50
C THR A 81 -10.59 41.60 6.42
N ALA A 82 -10.78 42.84 6.89
CA ALA A 82 -9.87 43.37 7.89
C ALA A 82 -9.88 42.51 9.15
N LEU A 83 -11.04 42.00 9.52
CA LEU A 83 -11.13 41.09 10.66
C LEU A 83 -10.41 39.78 10.36
N HIS A 84 -10.49 39.29 9.12
CA HIS A 84 -9.77 38.08 8.74
C HIS A 84 -8.26 38.27 8.90
N ILE A 85 -7.76 39.46 8.53
CA ILE A 85 -6.36 39.76 8.75
C ILE A 85 -6.07 39.97 10.23
N ALA A 86 -7.01 40.59 10.94
CA ALA A 86 -6.87 40.77 12.38
C ALA A 86 -6.95 39.46 13.15
N ALA A 87 -7.30 38.36 12.48
CA ALA A 87 -7.37 37.05 13.14
C ALA A 87 -6.20 36.15 12.79
N LEU A 88 -5.63 36.28 11.58
CA LEU A 88 -4.46 35.50 11.22
C LEU A 88 -3.34 35.70 12.22
N TYR A 89 -3.05 36.95 12.55
CA TYR A 89 -2.11 37.30 13.60
C TYR A 89 -2.90 37.74 14.83
N ASP A 90 -2.67 37.06 15.96
CA ASP A 90 -3.48 37.27 17.16
C ASP A 90 -3.52 38.73 17.59
N ASN A 91 -4.34 39.52 16.90
CA ASN A 91 -4.55 40.94 17.23
C ASN A 91 -5.97 41.08 17.77
N ASN A 92 -6.15 40.66 19.03
CA ASN A 92 -7.46 40.80 19.66
C ASN A 92 -7.89 42.26 19.72
N GLU A 93 -6.93 43.19 19.82
CA GLU A 93 -7.25 44.62 19.76
C GLU A 93 -7.79 44.99 18.38
N ALA A 94 -7.00 44.74 17.34
CA ALA A 94 -7.47 45.04 15.98
C ALA A 94 -8.75 44.27 15.65
N ALA A 95 -8.89 43.05 16.15
CA ALA A 95 -10.12 42.31 15.95
C ALA A 95 -11.29 43.00 16.62
N GLN A 96 -11.10 43.42 17.88
CA GLN A 96 -12.19 44.09 18.61
C GLN A 96 -12.53 45.43 17.98
N VAL A 97 -11.53 46.17 17.50
CA VAL A 97 -11.78 47.46 16.86
C VAL A 97 -12.65 47.26 15.61
N LEU A 98 -12.40 46.20 14.86
CA LEU A 98 -13.20 45.92 13.67
C LEU A 98 -14.55 45.29 14.01
N MET A 99 -14.68 44.68 15.18
CA MET A 99 -15.96 44.12 15.60
C MET A 99 -16.79 45.09 16.42
N GLU A 100 -16.17 46.16 16.94
CA GLU A 100 -16.91 47.20 17.65
C GLU A 100 -17.35 48.34 16.73
N ALA A 101 -16.62 48.58 15.64
CA ALA A 101 -16.99 49.59 14.67
C ALA A 101 -17.81 49.01 13.52
N ALA A 102 -17.76 47.70 13.32
CA ALA A 102 -18.55 47.01 12.31
C ALA A 102 -18.79 45.56 12.74
N PRO A 103 -19.81 45.31 13.55
CA PRO A 103 -20.04 43.95 14.06
C PRO A 103 -20.58 42.96 13.04
N GLU A 104 -20.57 43.29 11.75
CA GLU A 104 -21.00 42.36 10.71
C GLU A 104 -19.85 41.63 10.05
N LEU A 105 -18.61 41.91 10.46
CA LEU A 105 -17.45 41.24 9.89
C LEU A 105 -17.20 39.85 10.48
N VAL A 106 -17.84 39.52 11.61
CA VAL A 106 -17.67 38.20 12.20
C VAL A 106 -18.31 37.14 11.31
N PHE A 107 -19.50 37.43 10.78
CA PHE A 107 -20.19 36.50 9.89
C PHE A 107 -19.60 36.46 8.49
N GLU A 108 -18.51 37.17 8.23
CA GLU A 108 -17.92 37.20 6.91
C GLU A 108 -17.00 36.00 6.70
N PRO A 109 -17.30 35.11 5.77
CA PRO A 109 -16.36 34.05 5.42
C PRO A 109 -15.39 34.51 4.34
N MET A 110 -14.28 33.76 4.23
CA MET A 110 -13.33 34.01 3.16
C MET A 110 -14.00 33.81 1.81
N THR A 111 -13.94 34.83 0.96
CA THR A 111 -14.56 34.79 -0.36
C THR A 111 -13.54 34.52 -1.46
N SER A 112 -12.50 33.76 -1.16
CA SER A 112 -11.50 33.36 -2.15
C SER A 112 -11.71 31.89 -2.52
N GLU A 113 -10.85 31.39 -3.40
CA GLU A 113 -10.91 29.99 -3.79
C GLU A 113 -10.10 29.10 -2.84
N LEU A 114 -8.98 29.62 -2.32
CA LEU A 114 -8.13 28.83 -1.44
C LEU A 114 -8.73 28.68 -0.04
N TYR A 115 -9.64 29.56 0.36
CA TYR A 115 -10.19 29.53 1.71
C TYR A 115 -11.71 29.62 1.70
N GLU A 116 -12.36 29.16 0.63
CA GLU A 116 -13.81 29.28 0.51
C GLU A 116 -14.52 28.59 1.68
N GLY A 117 -14.88 29.36 2.70
CA GLY A 117 -15.57 28.82 3.86
C GLY A 117 -14.99 29.25 5.19
N GLN A 118 -13.68 29.52 5.22
CA GLN A 118 -13.04 29.91 6.45
C GLN A 118 -13.56 31.27 6.92
N THR A 119 -13.76 31.39 8.22
CA THR A 119 -14.27 32.61 8.83
C THR A 119 -13.25 33.14 9.84
N ALA A 120 -13.69 34.14 10.62
CA ALA A 120 -12.82 34.70 11.65
C ALA A 120 -12.70 33.79 12.86
N LEU A 121 -13.71 32.96 13.12
CA LEU A 121 -13.63 32.05 14.27
C LEU A 121 -12.67 30.90 14.01
N HIS A 122 -12.55 30.46 12.75
CA HIS A 122 -11.61 29.39 12.43
C HIS A 122 -10.20 29.77 12.84
N ILE A 123 -9.78 31.00 12.55
CA ILE A 123 -8.40 31.40 12.83
C ILE A 123 -8.18 31.59 14.32
N ALA A 124 -9.22 31.97 15.06
CA ALA A 124 -9.09 32.14 16.51
C ALA A 124 -9.00 30.80 17.22
N VAL A 125 -9.72 29.78 16.72
CA VAL A 125 -9.64 28.46 17.33
C VAL A 125 -8.32 27.79 17.00
N ILE A 126 -7.82 27.99 15.78
CA ILE A 126 -6.53 27.43 15.38
C ILE A 126 -5.40 28.05 16.21
N ASN A 127 -5.41 29.37 16.33
CA ASN A 127 -4.41 30.07 17.13
C ASN A 127 -4.64 29.88 18.63
N GLN A 128 -5.62 29.06 19.02
CA GLN A 128 -5.96 28.82 20.43
C GLN A 128 -6.22 30.12 21.17
N ASN A 129 -6.69 31.14 20.45
CA ASN A 129 -7.00 32.44 21.03
C ASN A 129 -8.28 32.29 21.85
N VAL A 130 -8.12 31.74 23.05
CA VAL A 130 -9.26 31.43 23.92
C VAL A 130 -10.09 32.68 24.17
N ASN A 131 -9.43 33.78 24.57
CA ASN A 131 -10.13 35.02 24.83
C ASN A 131 -10.72 35.65 23.57
N LEU A 132 -10.26 35.22 22.38
CA LEU A 132 -10.87 35.64 21.12
C LEU A 132 -11.96 34.69 20.67
N VAL A 133 -11.79 33.38 20.90
CA VAL A 133 -12.90 32.47 20.71
C VAL A 133 -14.02 32.80 21.71
N ARG A 134 -13.65 33.10 22.96
CA ARG A 134 -14.63 33.51 23.95
C ARG A 134 -15.30 34.83 23.59
N ALA A 135 -14.62 35.67 22.81
CA ALA A 135 -15.21 36.93 22.34
C ALA A 135 -15.94 36.77 21.02
N LEU A 136 -15.45 35.92 20.12
CA LEU A 136 -16.19 35.66 18.88
C LEU A 136 -17.48 34.90 19.16
N LEU A 137 -17.47 34.03 20.17
CA LEU A 137 -18.69 33.34 20.56
C LEU A 137 -19.65 34.26 21.31
N ALA A 138 -19.12 35.22 22.09
CA ALA A 138 -19.97 36.22 22.72
C ALA A 138 -20.57 37.18 21.69
N ARG A 139 -19.91 37.34 20.54
CA ARG A 139 -20.48 38.12 19.44
C ARG A 139 -21.50 37.35 18.63
N GLY A 140 -21.66 36.05 18.89
CA GLY A 140 -22.64 35.26 18.19
C GLY A 140 -22.13 34.66 16.88
N ALA A 141 -20.88 34.23 16.87
CA ALA A 141 -20.33 33.60 15.68
C ALA A 141 -20.96 32.23 15.46
N SER A 142 -20.88 31.75 14.22
CA SER A 142 -21.44 30.45 13.87
C SER A 142 -20.48 29.34 14.27
N VAL A 143 -21.02 28.30 14.91
CA VAL A 143 -20.23 27.14 15.29
C VAL A 143 -20.47 25.95 14.36
N SER A 144 -20.96 26.21 13.14
CA SER A 144 -21.23 25.16 12.18
C SER A 144 -20.83 25.58 10.76
N ALA A 145 -19.87 26.51 10.66
CA ALA A 145 -19.42 27.00 9.36
C ALA A 145 -18.35 26.05 8.81
N ARG A 146 -18.65 25.43 7.67
CA ARG A 146 -17.69 24.54 7.02
C ARG A 146 -16.64 25.35 6.28
N ALA A 147 -15.38 24.94 6.43
CA ALA A 147 -14.26 25.57 5.72
C ALA A 147 -13.87 24.66 4.55
N THR A 148 -14.62 24.79 3.46
CA THR A 148 -14.46 23.95 2.28
C THR A 148 -13.45 24.51 1.28
N GLY A 149 -12.43 25.21 1.75
CA GLY A 149 -11.43 25.73 0.86
C GLY A 149 -10.47 24.66 0.37
N SER A 150 -9.79 24.96 -0.73
CA SER A 150 -8.88 24.00 -1.34
C SER A 150 -7.64 23.74 -0.48
N VAL A 151 -7.25 24.69 0.37
CA VAL A 151 -6.10 24.47 1.24
C VAL A 151 -6.45 23.65 2.48
N PHE A 152 -7.74 23.43 2.74
CA PHE A 152 -8.17 22.62 3.86
C PHE A 152 -8.40 21.17 3.50
N HIS A 153 -8.01 20.75 2.29
CA HIS A 153 -8.29 19.41 1.80
C HIS A 153 -7.25 18.41 2.31
N TYR A 154 -7.57 17.13 2.14
CA TYR A 154 -6.71 16.03 2.57
C TYR A 154 -5.85 15.62 1.37
N ARG A 155 -4.71 16.30 1.23
CA ARG A 155 -3.80 16.03 0.12
C ARG A 155 -2.39 15.82 0.65
N PRO A 156 -1.57 15.06 -0.08
CA PRO A 156 -0.16 14.89 0.35
C PRO A 156 0.64 16.17 0.27
N HIS A 157 0.26 17.12 -0.59
CA HIS A 157 0.97 18.39 -0.66
C HIS A 157 0.53 19.37 0.42
N ASN A 158 -0.62 19.15 1.05
CA ASN A 158 -1.01 19.94 2.20
C ASN A 158 -0.36 19.40 3.46
N LEU A 159 0.02 20.31 4.36
CA LEU A 159 0.82 19.91 5.52
C LEU A 159 -0.04 19.34 6.64
N ILE A 160 -1.25 19.86 6.83
CA ILE A 160 -2.12 19.46 7.92
C ILE A 160 -3.50 19.11 7.35
N TYR A 161 -4.37 18.62 8.24
CA TYR A 161 -5.77 18.39 7.90
C TYR A 161 -6.54 18.27 9.21
N TYR A 162 -7.39 19.25 9.50
CA TYR A 162 -8.14 19.29 10.74
C TYR A 162 -9.65 19.17 10.54
N GLY A 163 -10.13 19.29 9.31
CA GLY A 163 -11.55 19.16 9.03
C GLY A 163 -12.16 20.44 8.47
N GLU A 164 -13.47 20.58 8.62
CA GLU A 164 -14.19 21.76 8.16
C GLU A 164 -14.88 22.53 9.27
N HIS A 165 -15.27 21.87 10.34
CA HIS A 165 -16.04 22.45 11.42
C HIS A 165 -15.11 22.98 12.52
N PRO A 166 -15.49 24.09 13.17
CA PRO A 166 -14.60 24.67 14.19
C PRO A 166 -14.34 23.76 15.38
N LEU A 167 -15.31 22.91 15.74
CA LEU A 167 -15.08 21.96 16.82
C LEU A 167 -13.98 20.98 16.45
N SER A 168 -13.92 20.59 15.17
CA SER A 168 -12.85 19.71 14.72
C SER A 168 -11.49 20.39 14.88
N PHE A 169 -11.43 21.70 14.63
CA PHE A 169 -10.17 22.42 14.77
C PHE A 169 -9.72 22.46 16.22
N ALA A 170 -10.64 22.76 17.14
CA ALA A 170 -10.32 22.72 18.56
C ALA A 170 -9.89 21.31 18.98
N ALA A 171 -10.47 20.28 18.35
CA ALA A 171 -10.11 18.91 18.71
C ALA A 171 -8.70 18.57 18.26
N CYS A 172 -8.24 19.15 17.16
CA CYS A 172 -6.91 18.84 16.64
C CYS A 172 -5.80 19.66 17.28
N VAL A 173 -6.09 20.91 17.67
CA VAL A 173 -5.05 21.74 18.29
C VAL A 173 -4.83 21.38 19.75
N GLY A 174 -5.77 20.65 20.38
CA GLY A 174 -5.62 20.23 21.74
C GLY A 174 -6.21 21.17 22.78
N SER A 175 -6.60 22.38 22.38
CA SER A 175 -7.17 23.33 23.33
C SER A 175 -8.49 22.81 23.88
N GLU A 176 -8.40 21.93 24.90
CA GLU A 176 -9.60 21.36 25.49
C GLU A 176 -10.52 22.43 26.05
N GLU A 177 -9.97 23.59 26.41
CA GLU A 177 -10.80 24.70 26.87
C GLU A 177 -11.64 25.27 25.73
N ILE A 178 -11.14 25.20 24.50
CA ILE A 178 -11.91 25.69 23.35
C ILE A 178 -12.87 24.61 22.85
N VAL A 179 -12.46 23.34 22.95
CA VAL A 179 -13.34 22.24 22.53
C VAL A 179 -14.67 22.32 23.29
N ARG A 180 -14.59 22.38 24.62
CA ARG A 180 -15.80 22.50 25.42
C ARG A 180 -16.48 23.84 25.21
N LEU A 181 -15.70 24.91 25.01
CA LEU A 181 -16.28 26.23 24.83
C LEU A 181 -17.11 26.30 23.55
N LEU A 182 -16.77 25.48 22.56
CA LEU A 182 -17.57 25.41 21.34
C LEU A 182 -18.82 24.57 21.53
N ILE A 183 -18.71 23.47 22.27
CA ILE A 183 -19.89 22.66 22.59
C ILE A 183 -20.88 23.49 23.42
N GLU A 184 -20.38 24.34 24.32
CA GLU A 184 -21.24 25.18 25.14
C GLU A 184 -22.19 25.99 24.28
N HIS A 185 -21.73 26.42 23.09
CA HIS A 185 -22.52 27.26 22.20
C HIS A 185 -23.13 26.46 21.05
N GLY A 186 -23.47 25.19 21.30
CA GLY A 186 -24.21 24.42 20.32
C GLY A 186 -23.40 23.75 19.24
N ALA A 187 -22.19 23.30 19.54
CA ALA A 187 -21.40 22.55 18.58
C ALA A 187 -21.94 21.14 18.47
N ASP A 188 -22.04 20.64 17.24
CA ASP A 188 -22.58 19.32 16.96
C ASP A 188 -21.42 18.36 16.69
N ILE A 189 -21.28 17.34 17.53
CA ILE A 189 -20.23 16.35 17.31
C ILE A 189 -20.63 15.40 16.18
N ARG A 190 -21.93 15.19 15.99
CA ARG A 190 -22.42 14.36 14.90
C ARG A 190 -22.18 14.99 13.54
N ALA A 191 -21.82 16.28 13.49
CA ALA A 191 -21.60 16.95 12.22
C ALA A 191 -20.46 16.30 11.45
N GLN A 192 -20.74 15.90 10.23
CA GLN A 192 -19.76 15.27 9.36
C GLN A 192 -19.35 16.25 8.26
N ASP A 193 -18.08 16.21 7.90
CA ASP A 193 -17.57 17.07 6.83
C ASP A 193 -18.02 16.53 5.47
N SER A 194 -17.28 16.89 4.42
CA SER A 194 -17.61 16.37 3.10
C SER A 194 -17.22 14.91 2.96
N LEU A 195 -16.13 14.50 3.63
CA LEU A 195 -15.66 13.12 3.58
C LEU A 195 -16.43 12.18 4.49
N GLY A 196 -17.53 12.64 5.09
CA GLY A 196 -18.29 11.79 6.00
C GLY A 196 -17.54 11.45 7.27
N ASN A 197 -16.62 12.30 7.69
CA ASN A 197 -15.82 12.06 8.87
C ASN A 197 -16.36 12.85 10.05
N THR A 198 -16.60 12.15 11.16
CA THR A 198 -16.96 12.83 12.40
C THR A 198 -15.71 13.41 13.03
N VAL A 199 -15.89 14.07 14.18
CA VAL A 199 -14.75 14.64 14.89
C VAL A 199 -13.82 13.54 15.40
N LEU A 200 -14.35 12.34 15.63
CA LEU A 200 -13.51 11.24 16.11
C LEU A 200 -12.56 10.77 15.02
N HIS A 201 -13.06 10.63 13.79
CA HIS A 201 -12.20 10.16 12.70
C HIS A 201 -11.03 11.10 12.46
N ILE A 202 -11.23 12.39 12.68
CA ILE A 202 -10.17 13.36 12.44
C ILE A 202 -9.04 13.18 13.44
N LEU A 203 -9.36 12.79 14.68
CA LEU A 203 -8.34 12.57 15.70
C LEU A 203 -7.49 11.33 15.43
N ILE A 204 -7.86 10.51 14.45
CA ILE A 204 -7.11 9.30 14.19
C ILE A 204 -5.90 9.58 13.32
N LEU A 205 -5.95 10.65 12.52
CA LEU A 205 -4.89 10.99 11.58
C LEU A 205 -3.98 12.09 12.12
N GLN A 206 -3.67 12.05 13.41
CA GLN A 206 -2.86 13.09 14.03
C GLN A 206 -1.62 12.48 14.66
N PRO A 207 -0.51 13.22 14.70
CA PRO A 207 0.74 12.67 15.25
C PRO A 207 0.69 12.48 16.75
N ASN A 208 0.27 13.52 17.48
CA ASN A 208 0.24 13.48 18.93
C ASN A 208 -0.84 12.52 19.41
N LYS A 209 -0.60 11.21 19.21
CA LYS A 209 -1.58 10.21 19.63
C LYS A 209 -1.71 10.15 21.14
N THR A 210 -0.59 10.34 21.86
CA THR A 210 -0.61 10.26 23.31
C THR A 210 -1.43 11.38 23.95
N PHE A 211 -1.65 12.49 23.23
CA PHE A 211 -2.55 13.53 23.71
C PHE A 211 -3.87 13.56 22.98
N ALA A 212 -3.96 12.93 21.79
CA ALA A 212 -5.25 12.83 21.10
C ALA A 212 -6.21 11.90 21.81
N CYS A 213 -5.70 11.01 22.68
CA CYS A 213 -6.57 10.12 23.44
C CYS A 213 -7.39 10.89 24.46
N GLN A 214 -6.74 11.80 25.21
CA GLN A 214 -7.46 12.63 26.16
C GLN A 214 -8.45 13.54 25.45
N MET A 215 -8.15 13.95 24.21
CA MET A 215 -9.11 14.72 23.43
C MET A 215 -10.18 13.82 22.83
N TYR A 216 -9.85 12.57 22.52
CA TYR A 216 -10.85 11.63 22.03
C TYR A 216 -11.90 11.34 23.09
N ASN A 217 -11.47 11.22 24.35
CA ASN A 217 -12.42 10.96 25.43
C ASN A 217 -13.25 12.19 25.77
N LEU A 218 -12.65 13.38 25.68
CA LEU A 218 -13.41 14.60 25.92
C LEU A 218 -14.54 14.77 24.93
N LEU A 219 -14.37 14.26 23.71
CA LEU A 219 -15.40 14.35 22.68
C LEU A 219 -16.43 13.24 22.76
N LEU A 220 -16.20 12.22 23.58
CA LEU A 220 -17.21 11.19 23.81
C LEU A 220 -18.16 11.54 24.94
N SER A 221 -17.76 12.43 25.84
CA SER A 221 -18.60 12.77 26.99
C SER A 221 -19.80 13.62 26.61
N TYR A 222 -19.77 14.27 25.45
CA TYR A 222 -20.89 15.08 24.99
C TYR A 222 -21.85 14.31 24.09
N ASP A 223 -21.76 12.98 24.08
CA ASP A 223 -22.69 12.18 23.29
C ASP A 223 -24.07 12.15 23.94
N GLY A 224 -25.04 11.60 23.22
CA GLY A 224 -26.40 11.53 23.72
C GLY A 224 -26.58 10.64 24.92
N GLY A 225 -25.63 9.74 25.18
CA GLY A 225 -25.71 8.82 26.30
C GLY A 225 -26.45 7.54 26.03
N ASP A 226 -26.92 7.32 24.81
CA ASP A 226 -27.67 6.13 24.46
C ASP A 226 -26.75 5.11 23.78
N HIS A 227 -27.02 3.83 24.03
CA HIS A 227 -26.19 2.75 23.50
C HIS A 227 -26.33 2.57 21.99
N LEU A 228 -27.33 3.20 21.38
CA LEU A 228 -27.56 3.10 19.95
C LEU A 228 -27.30 4.45 19.28
N LYS A 229 -26.95 4.40 17.99
CA LYS A 229 -26.58 5.59 17.22
C LYS A 229 -25.43 6.34 17.89
N SER A 230 -24.47 5.60 18.43
CA SER A 230 -23.34 6.22 19.11
C SER A 230 -22.37 6.83 18.11
N LEU A 231 -21.59 7.80 18.59
CA LEU A 231 -20.64 8.48 17.72
C LEU A 231 -19.50 7.56 17.30
N GLU A 232 -19.10 6.64 18.18
CA GLU A 232 -18.13 5.62 17.81
C GLU A 232 -18.65 4.65 16.77
N LEU A 233 -19.95 4.67 16.49
CA LEU A 233 -20.56 3.80 15.49
C LEU A 233 -20.91 4.52 14.20
N VAL A 234 -20.84 5.84 14.16
CA VAL A 234 -21.06 6.59 12.93
C VAL A 234 -19.93 6.24 11.96
N PRO A 235 -20.21 5.52 10.89
CA PRO A 235 -19.15 5.08 10.00
C PRO A 235 -18.70 6.18 9.05
N ASN A 236 -17.49 5.99 8.51
CA ASN A 236 -17.01 6.89 7.49
C ASN A 236 -17.82 6.71 6.21
N ASN A 237 -17.63 7.63 5.26
CA ASN A 237 -18.29 7.49 3.98
C ASN A 237 -17.80 6.26 3.22
N GLN A 238 -16.60 5.76 3.53
CA GLN A 238 -16.10 4.51 2.98
C GLN A 238 -16.38 3.32 3.88
N GLY A 239 -17.45 3.38 4.68
CA GLY A 239 -17.81 2.29 5.55
C GLY A 239 -16.75 1.95 6.59
N LEU A 240 -16.39 2.94 7.41
CA LEU A 240 -15.30 2.76 8.36
C LEU A 240 -15.66 3.46 9.67
N THR A 241 -15.86 2.67 10.71
CA THR A 241 -16.04 3.23 12.04
C THR A 241 -14.72 3.79 12.55
N PRO A 242 -14.75 4.71 13.51
CA PRO A 242 -13.50 5.26 14.05
C PRO A 242 -12.59 4.21 14.65
N PHE A 243 -13.14 3.09 15.14
CA PHE A 243 -12.30 2.01 15.62
C PHE A 243 -11.60 1.29 14.48
N LYS A 244 -12.33 1.04 13.39
CA LYS A 244 -11.76 0.28 12.28
C LYS A 244 -10.74 1.11 11.50
N LEU A 245 -10.86 2.43 11.53
CA LEU A 245 -9.92 3.28 10.81
C LEU A 245 -8.55 3.27 11.47
N ALA A 246 -8.51 3.19 12.80
CA ALA A 246 -7.22 3.19 13.50
C ALA A 246 -6.37 2.00 13.12
N GLY A 247 -7.00 0.89 12.72
CA GLY A 247 -6.25 -0.29 12.32
C GLY A 247 -5.67 -0.16 10.93
N VAL A 248 -6.44 0.39 9.99
CA VAL A 248 -5.98 0.51 8.62
C VAL A 248 -4.89 1.56 8.50
N GLU A 249 -4.90 2.57 9.38
CA GLU A 249 -3.96 3.67 9.31
C GLU A 249 -2.65 3.40 10.05
N GLY A 250 -2.57 2.30 10.82
CA GLY A 250 -1.39 2.01 11.59
C GLY A 250 -1.31 2.71 12.93
N ASN A 251 -2.36 3.45 13.31
CA ASN A 251 -2.39 4.15 14.59
C ASN A 251 -2.53 3.13 15.72
N ILE A 252 -1.43 2.90 16.44
CA ILE A 252 -1.45 1.89 17.49
C ILE A 252 -2.02 2.43 18.78
N VAL A 253 -1.61 3.65 19.16
CA VAL A 253 -2.00 4.19 20.47
C VAL A 253 -3.50 4.41 20.54
N MET A 254 -4.13 4.81 19.43
CA MET A 254 -5.58 4.92 19.41
C MET A 254 -6.26 3.57 19.24
N PHE A 255 -5.57 2.60 18.63
CA PHE A 255 -6.09 1.24 18.58
C PHE A 255 -6.05 0.59 19.95
N GLN A 256 -4.99 0.84 20.72
CA GLN A 256 -4.93 0.38 22.10
C GLN A 256 -5.96 1.11 22.95
N HIS A 257 -6.19 2.39 22.68
CA HIS A 257 -7.14 3.16 23.48
C HIS A 257 -8.58 2.80 23.13
N LEU A 258 -8.86 2.55 21.85
CA LEU A 258 -10.20 2.14 21.45
C LEU A 258 -10.54 0.71 21.86
N MET A 259 -9.53 -0.09 22.22
CA MET A 259 -9.80 -1.46 22.64
C MET A 259 -10.34 -1.53 24.07
N GLN A 260 -10.01 -0.53 24.90
CA GLN A 260 -10.49 -0.52 26.28
C GLN A 260 -12.00 -0.43 26.34
N LYS A 261 -12.63 0.15 25.31
CA LYS A 261 -14.08 0.30 25.27
C LYS A 261 -14.80 -0.98 24.83
N ARG A 262 -14.08 -1.97 24.32
CA ARG A 262 -14.70 -3.18 23.79
C ARG A 262 -13.89 -4.41 24.21
N LYS A 263 -13.78 -4.61 25.52
CA LYS A 263 -13.16 -5.81 26.07
C LYS A 263 -13.64 -5.98 27.50
N HIS A 264 -13.79 -7.23 27.92
CA HIS A 264 -14.30 -7.56 29.24
C HIS A 264 -13.35 -8.55 29.91
N ILE A 265 -13.01 -8.29 31.17
CA ILE A 265 -12.13 -9.16 31.95
C ILE A 265 -12.98 -10.09 32.79
N GLN A 266 -12.59 -11.37 32.83
CA GLN A 266 -13.36 -12.39 33.53
C GLN A 266 -12.95 -12.52 34.99
N TRP A 267 -11.67 -12.80 35.25
CA TRP A 267 -11.18 -12.97 36.61
C TRP A 267 -9.71 -12.62 36.69
N THR A 268 -9.27 -12.29 37.91
CA THR A 268 -7.87 -11.99 38.20
C THR A 268 -7.41 -13.00 39.25
N TYR A 269 -6.63 -13.99 38.81
CA TYR A 269 -6.12 -15.04 39.68
C TYR A 269 -4.65 -14.77 39.92
N GLY A 270 -4.37 -13.79 40.77
CA GLY A 270 -3.01 -13.36 41.03
C GLY A 270 -2.39 -12.74 39.79
N PRO A 271 -1.34 -13.37 39.27
CA PRO A 271 -0.76 -12.88 38.02
C PRO A 271 -1.62 -13.17 36.80
N LEU A 272 -2.50 -14.16 36.87
CA LEU A 272 -3.33 -14.52 35.73
C LEU A 272 -4.50 -13.58 35.58
N THR A 273 -4.82 -13.25 34.32
CA THR A 273 -5.93 -12.35 34.02
C THR A 273 -6.54 -12.82 32.70
N SER A 274 -7.60 -13.60 32.78
CA SER A 274 -8.25 -14.16 31.59
C SER A 274 -9.21 -13.12 31.02
N THR A 275 -8.74 -12.33 30.05
CA THR A 275 -9.56 -11.30 29.45
C THR A 275 -10.32 -11.84 28.25
N LEU A 276 -11.51 -11.28 28.03
CA LEU A 276 -12.43 -11.71 26.98
C LEU A 276 -12.66 -10.53 26.04
N TYR A 277 -12.14 -10.63 24.82
CA TYR A 277 -12.25 -9.54 23.85
C TYR A 277 -13.56 -9.64 23.07
N ASP A 278 -13.99 -8.50 22.52
CA ASP A 278 -15.29 -8.43 21.85
C ASP A 278 -15.27 -9.21 20.54
N LEU A 279 -14.34 -8.88 19.65
CA LEU A 279 -14.14 -9.57 18.38
C LEU A 279 -15.41 -9.53 17.52
N THR A 280 -15.68 -8.34 17.01
CA THR A 280 -16.82 -8.14 16.12
C THR A 280 -16.35 -7.60 14.79
N GLU A 281 -16.02 -6.31 14.76
CA GLU A 281 -15.44 -5.71 13.56
C GLU A 281 -14.01 -6.17 13.32
N ILE A 282 -13.43 -6.95 14.24
CA ILE A 282 -12.08 -7.45 14.08
C ILE A 282 -12.16 -8.87 13.54
N ASP A 283 -13.28 -9.18 12.92
CA ASP A 283 -13.54 -10.52 12.40
C ASP A 283 -14.10 -10.40 10.99
N SER A 284 -13.82 -11.42 10.18
CA SER A 284 -14.29 -11.46 8.81
C SER A 284 -15.75 -11.87 8.76
N SER A 285 -16.59 -11.25 9.59
CA SER A 285 -18.00 -11.59 9.62
C SER A 285 -18.73 -11.03 8.42
N GLY A 286 -18.70 -9.71 8.24
CA GLY A 286 -19.31 -9.09 7.09
C GLY A 286 -18.61 -9.46 5.79
N ASP A 287 -19.16 -9.20 4.63
CA ASP A 287 -18.44 -9.74 3.48
C ASP A 287 -17.06 -9.18 3.57
N ASP A 288 -16.98 -7.92 3.90
CA ASP A 288 -15.72 -7.27 4.16
C ASP A 288 -15.45 -6.67 5.52
N GLN A 289 -15.95 -5.57 5.91
CA GLN A 289 -16.70 -5.17 7.09
C GLN A 289 -15.85 -5.97 8.06
N SER A 290 -14.54 -5.97 7.82
CA SER A 290 -13.60 -6.71 8.65
C SER A 290 -12.30 -5.94 8.74
N LEU A 291 -11.74 -5.86 9.95
CA LEU A 291 -10.47 -5.19 10.13
C LEU A 291 -9.31 -5.99 9.53
N LEU A 292 -9.40 -7.32 9.56
CA LEU A 292 -8.36 -8.15 8.95
C LEU A 292 -8.25 -7.88 7.45
N GLU A 293 -9.38 -7.90 6.75
CA GLU A 293 -9.39 -7.71 5.31
C GLU A 293 -8.94 -6.32 4.89
N LEU A 294 -8.73 -5.41 5.85
CA LEU A 294 -8.30 -4.05 5.57
C LEU A 294 -6.84 -3.79 5.93
N ILE A 295 -6.22 -4.64 6.74
CA ILE A 295 -4.82 -4.45 7.10
C ILE A 295 -3.90 -4.99 6.02
N VAL A 296 -4.22 -6.18 5.49
CA VAL A 296 -3.36 -6.79 4.48
C VAL A 296 -3.55 -6.15 3.12
N THR A 297 -4.65 -5.44 2.89
CA THR A 297 -4.94 -4.87 1.58
C THR A 297 -4.40 -3.44 1.43
N THR A 298 -4.13 -2.75 2.53
CA THR A 298 -3.63 -1.38 2.43
C THR A 298 -2.13 -1.38 2.19
N LYS A 299 -1.66 -0.35 1.49
CA LYS A 299 -0.24 -0.16 1.21
C LYS A 299 0.49 0.57 2.32
N LYS A 300 -0.17 0.82 3.45
CA LYS A 300 0.44 1.54 4.56
C LYS A 300 1.35 0.60 5.35
N ARG A 301 2.65 0.90 5.37
CA ARG A 301 3.61 0.05 6.07
C ARG A 301 3.38 0.06 7.58
N GLU A 302 2.83 1.14 8.12
CA GLU A 302 2.58 1.20 9.56
C GLU A 302 1.43 0.27 9.96
N ALA A 303 0.49 0.01 9.04
CA ALA A 303 -0.65 -0.84 9.33
C ALA A 303 -0.26 -2.28 9.60
N ARG A 304 0.89 -2.73 9.08
CA ARG A 304 1.32 -4.11 9.30
C ARG A 304 1.60 -4.40 10.77
N GLN A 305 1.77 -3.37 11.60
CA GLN A 305 2.00 -3.57 13.01
C GLN A 305 0.73 -3.83 13.79
N ILE A 306 -0.44 -3.79 13.15
CA ILE A 306 -1.70 -3.90 13.86
C ILE A 306 -2.11 -5.35 14.09
N LEU A 307 -1.86 -6.24 13.13
CA LEU A 307 -2.15 -7.65 13.36
C LEU A 307 -1.24 -8.26 14.42
N ASP A 308 -0.17 -7.56 14.79
CA ASP A 308 0.71 -7.99 15.87
C ASP A 308 0.23 -7.51 17.23
N GLN A 309 -0.88 -6.76 17.30
CA GLN A 309 -1.43 -6.33 18.57
C GLN A 309 -2.04 -7.50 19.33
N THR A 310 -2.09 -7.38 20.65
CA THR A 310 -2.48 -8.47 21.52
C THR A 310 -3.93 -8.94 21.40
N PRO A 311 -4.90 -8.14 20.89
CA PRO A 311 -6.22 -8.73 20.65
C PRO A 311 -6.27 -9.53 19.35
N VAL A 312 -5.41 -9.18 18.40
CA VAL A 312 -5.43 -9.78 17.08
C VAL A 312 -4.41 -10.91 16.95
N LYS A 313 -3.22 -10.74 17.54
CA LYS A 313 -2.17 -11.75 17.40
C LYS A 313 -2.62 -13.09 17.97
N GLU A 314 -3.39 -13.08 19.06
CA GLU A 314 -3.92 -14.33 19.58
C GLU A 314 -4.94 -14.95 18.64
N LEU A 315 -5.60 -14.12 17.83
CA LEU A 315 -6.53 -14.65 16.84
C LEU A 315 -5.79 -15.31 15.69
N VAL A 316 -4.95 -14.54 14.99
CA VAL A 316 -4.30 -15.06 13.79
C VAL A 316 -3.29 -16.16 14.13
N SER A 317 -2.73 -16.17 15.34
CA SER A 317 -1.85 -17.27 15.72
C SER A 317 -2.63 -18.56 15.93
N LEU A 318 -3.87 -18.47 16.39
CA LEU A 318 -4.73 -19.63 16.49
C LEU A 318 -5.47 -19.93 15.19
N LYS A 319 -5.66 -18.93 14.33
CA LYS A 319 -6.21 -19.17 13.00
C LYS A 319 -5.24 -19.90 12.08
N TRP A 320 -3.96 -19.96 12.44
CA TRP A 320 -2.94 -20.60 11.63
C TRP A 320 -2.41 -21.90 12.20
N LYS A 321 -2.27 -21.99 13.53
CA LYS A 321 -1.74 -23.22 14.13
C LYS A 321 -2.66 -24.40 13.85
N ARG A 322 -3.95 -24.15 13.64
CA ARG A 322 -4.90 -25.19 13.27
C ARG A 322 -5.75 -24.70 12.10
N TYR A 323 -6.18 -25.67 11.28
CA TYR A 323 -7.02 -25.42 10.10
C TYR A 323 -6.60 -24.37 9.08
N GLY A 324 -5.42 -23.79 9.24
CA GLY A 324 -4.97 -22.74 8.35
C GLY A 324 -3.76 -23.41 7.72
N ARG A 325 -2.82 -23.85 8.56
CA ARG A 325 -1.60 -24.48 8.03
C ARG A 325 -1.87 -25.77 7.27
N PRO A 326 -2.73 -26.69 7.73
CA PRO A 326 -2.95 -27.92 6.93
C PRO A 326 -3.63 -27.65 5.59
N TYR A 327 -4.60 -26.73 5.55
CA TYR A 327 -5.29 -26.47 4.29
C TYR A 327 -4.37 -25.80 3.27
N PHE A 328 -3.45 -24.94 3.73
CA PHE A 328 -2.43 -24.42 2.84
C PHE A 328 -1.50 -25.52 2.35
N CYS A 329 -1.35 -26.59 3.14
CA CYS A 329 -0.59 -27.75 2.69
C CYS A 329 -1.41 -28.62 1.74
N VAL A 330 -2.74 -28.58 1.84
CA VAL A 330 -3.59 -29.33 0.93
C VAL A 330 -3.53 -28.72 -0.48
N LEU A 331 -3.82 -27.42 -0.58
CA LEU A 331 -3.75 -26.74 -1.87
C LEU A 331 -2.32 -26.74 -2.41
N GLY A 332 -1.32 -26.76 -1.53
CA GLY A 332 0.05 -26.83 -1.98
C GLY A 332 0.39 -28.18 -2.58
N ALA A 333 0.03 -29.26 -1.88
CA ALA A 333 0.28 -30.60 -2.39
C ALA A 333 -0.50 -30.87 -3.66
N ILE A 334 -1.72 -30.33 -3.75
CA ILE A 334 -2.52 -30.48 -4.97
C ILE A 334 -1.82 -29.81 -6.14
N TYR A 335 -1.34 -28.58 -5.93
CA TYR A 335 -0.66 -27.86 -7.01
C TYR A 335 0.71 -28.47 -7.31
N VAL A 336 1.33 -29.14 -6.33
CA VAL A 336 2.58 -29.85 -6.60
C VAL A 336 2.33 -30.97 -7.61
N LEU A 337 1.27 -31.76 -7.38
CA LEU A 337 0.97 -32.86 -8.29
C LEU A 337 0.40 -32.35 -9.61
N TYR A 338 -0.34 -31.25 -9.59
CA TYR A 338 -0.84 -30.67 -10.84
C TYR A 338 0.28 -30.16 -11.73
N ILE A 339 1.43 -29.82 -11.16
CA ILE A 339 2.56 -29.35 -11.96
C ILE A 339 3.44 -30.50 -12.42
N ILE A 340 3.67 -31.50 -11.56
CA ILE A 340 4.45 -32.66 -11.98
C ILE A 340 3.68 -33.49 -13.00
N CYS A 341 2.37 -33.29 -13.12
CA CYS A 341 1.59 -33.95 -14.17
C CYS A 341 1.81 -33.27 -15.52
N PHE A 342 1.77 -31.94 -15.54
CA PHE A 342 2.03 -31.21 -16.78
C PHE A 342 3.42 -31.51 -17.32
N THR A 343 4.40 -31.69 -16.43
CA THR A 343 5.74 -32.02 -16.87
C THR A 343 5.83 -33.46 -17.37
N MET A 344 5.02 -34.37 -16.81
CA MET A 344 5.02 -35.75 -17.29
C MET A 344 4.40 -35.86 -18.68
N CYS A 345 3.53 -34.92 -19.05
CA CYS A 345 2.93 -34.92 -20.38
C CYS A 345 3.83 -34.31 -21.44
N CYS A 346 4.89 -33.61 -21.04
CA CYS A 346 5.82 -33.00 -21.99
C CYS A 346 6.99 -33.92 -22.32
N VAL A 347 7.48 -34.66 -21.32
CA VAL A 347 8.55 -35.62 -21.58
C VAL A 347 8.04 -36.83 -22.34
N TYR A 348 6.74 -37.11 -22.25
CA TYR A 348 6.09 -38.20 -22.99
C TYR A 348 5.02 -37.57 -23.88
N ARG A 349 5.46 -36.98 -24.99
CA ARG A 349 4.56 -36.27 -25.89
C ARG A 349 4.72 -36.84 -27.31
N PRO A 350 3.96 -36.38 -28.30
CA PRO A 350 4.07 -36.96 -29.65
C PRO A 350 5.51 -37.00 -30.15
N LEU A 351 5.79 -37.98 -31.01
CA LEU A 351 7.12 -38.21 -31.53
C LEU A 351 7.08 -38.33 -33.05
N LYS A 352 8.24 -38.08 -33.68
CA LYS A 352 8.43 -38.20 -35.12
C LYS A 352 9.92 -38.05 -35.45
N PRO A 353 10.48 -38.90 -36.31
CA PRO A 353 11.88 -38.75 -36.67
C PRO A 353 12.10 -37.71 -37.77
N ARG A 354 11.36 -36.59 -37.69
CA ARG A 354 11.42 -35.50 -38.66
C ARG A 354 11.08 -35.52 -40.15
N ILE A 355 9.79 -35.60 -40.48
CA ILE A 355 9.38 -35.56 -41.87
C ILE A 355 9.95 -34.63 -42.93
N THR A 356 10.55 -33.50 -42.54
CA THR A 356 11.26 -32.66 -43.50
C THR A 356 12.48 -33.42 -44.03
N ASN A 357 12.70 -33.29 -45.34
CA ASN A 357 13.70 -34.05 -46.11
C ASN A 357 14.96 -34.26 -45.27
N ARG A 358 15.77 -33.28 -45.09
CA ARG A 358 17.16 -33.39 -44.65
C ARG A 358 17.43 -32.05 -44.00
N THR A 359 18.70 -31.66 -43.94
CA THR A 359 19.07 -30.29 -43.53
C THR A 359 19.08 -29.39 -44.76
N ASN A 360 17.93 -29.34 -45.44
CA ASN A 360 17.81 -28.58 -46.68
C ASN A 360 18.07 -27.08 -46.50
N PRO A 361 17.61 -26.41 -45.41
CA PRO A 361 18.02 -25.01 -45.21
C PRO A 361 19.50 -24.84 -44.97
N ARG A 362 19.92 -24.74 -43.71
CA ARG A 362 21.33 -24.63 -43.35
C ARG A 362 21.80 -25.95 -42.75
N ASP A 363 23.06 -26.30 -43.03
CA ASP A 363 23.56 -27.61 -42.62
C ASP A 363 23.61 -27.75 -41.10
N ASN A 364 23.78 -26.65 -40.38
CA ASN A 364 23.78 -26.68 -38.91
C ASN A 364 22.33 -26.66 -38.42
N THR A 365 21.66 -27.79 -38.64
CA THR A 365 20.25 -27.95 -38.28
C THR A 365 20.11 -29.23 -37.46
N LEU A 366 19.85 -29.07 -36.15
CA LEU A 366 19.54 -30.20 -35.28
C LEU A 366 18.03 -30.16 -35.04
N LEU A 367 17.27 -30.66 -36.01
CA LEU A 367 15.82 -30.61 -35.97
C LEU A 367 15.25 -32.03 -36.06
N GLN A 368 14.42 -32.40 -35.07
CA GLN A 368 13.69 -33.67 -35.06
C GLN A 368 12.26 -33.34 -34.63
N GLN A 369 11.45 -32.84 -35.56
CA GLN A 369 10.09 -32.42 -35.23
C GLN A 369 9.29 -33.57 -34.66
N LYS A 370 8.48 -33.27 -33.65
CA LYS A 370 7.71 -34.29 -32.92
C LYS A 370 6.26 -33.83 -32.82
N LEU A 371 5.55 -33.91 -33.94
CA LEU A 371 4.16 -33.48 -34.03
C LEU A 371 3.32 -34.64 -34.56
N LEU A 372 2.34 -35.06 -33.77
CA LEU A 372 1.40 -36.11 -34.17
C LEU A 372 0.00 -35.53 -34.10
N GLN A 373 -0.54 -35.15 -35.26
CA GLN A 373 -1.89 -34.59 -35.31
C GLN A 373 -2.95 -35.64 -35.01
N GLU A 374 -2.61 -36.92 -35.11
CA GLU A 374 -3.57 -38.00 -34.96
C GLU A 374 -3.81 -38.31 -33.48
N ALA A 375 -4.94 -38.96 -33.23
CA ALA A 375 -5.34 -39.36 -31.87
C ALA A 375 -5.20 -40.85 -31.65
N TYR A 376 -4.35 -41.52 -32.43
CA TYR A 376 -4.11 -42.95 -32.26
C TYR A 376 -3.05 -43.05 -31.18
N VAL A 377 -2.35 -44.19 -31.14
CA VAL A 377 -1.22 -44.46 -30.26
C VAL A 377 -1.84 -44.90 -28.94
N THR A 378 -3.11 -45.33 -29.00
CA THR A 378 -3.99 -45.60 -27.85
C THR A 378 -3.38 -46.39 -26.69
N PRO A 379 -2.45 -47.37 -26.91
CA PRO A 379 -1.87 -48.08 -25.75
C PRO A 379 -1.35 -47.17 -24.64
N LYS A 380 -0.22 -46.52 -24.87
CA LYS A 380 0.36 -45.62 -23.87
C LYS A 380 -0.03 -44.17 -24.09
N ASP A 381 -0.87 -43.88 -25.08
CA ASP A 381 -1.36 -42.52 -25.30
C ASP A 381 -2.69 -42.26 -24.62
N ASP A 382 -3.49 -43.30 -24.38
CA ASP A 382 -4.71 -43.12 -23.58
C ASP A 382 -4.39 -42.67 -22.17
N LEU A 383 -3.17 -42.94 -21.69
CA LEU A 383 -2.69 -42.33 -20.46
C LEU A 383 -2.38 -40.85 -20.66
N ARG A 384 -1.91 -40.48 -21.86
CA ARG A 384 -1.68 -39.08 -22.17
C ARG A 384 -2.97 -38.33 -22.51
N LEU A 385 -3.96 -39.04 -23.04
CA LEU A 385 -5.23 -38.40 -23.39
C LEU A 385 -5.88 -37.78 -22.16
N VAL A 386 -6.00 -38.55 -21.07
CA VAL A 386 -6.57 -38.01 -19.85
C VAL A 386 -5.60 -37.04 -19.19
N GLY A 387 -4.30 -37.23 -19.40
CA GLY A 387 -3.32 -36.30 -18.85
C GLY A 387 -3.42 -34.92 -19.48
N GLU A 388 -3.56 -34.86 -20.81
CA GLU A 388 -3.80 -33.60 -21.48
C GLU A 388 -5.18 -33.02 -21.15
N LEU A 389 -6.11 -33.85 -20.66
CA LEU A 389 -7.43 -33.37 -20.28
C LEU A 389 -7.43 -32.76 -18.89
N VAL A 390 -6.56 -33.24 -17.99
CA VAL A 390 -6.52 -32.69 -16.64
C VAL A 390 -5.87 -31.31 -16.62
N SER A 391 -4.79 -31.15 -17.39
CA SER A 391 -4.08 -29.88 -17.41
C SER A 391 -4.91 -28.75 -18.02
N ILE A 392 -5.90 -29.07 -18.84
CA ILE A 392 -6.74 -28.02 -19.42
C ILE A 392 -7.95 -27.72 -18.54
N VAL A 393 -8.51 -28.73 -17.86
CA VAL A 393 -9.60 -28.46 -16.93
C VAL A 393 -9.09 -27.83 -15.65
N GLY A 394 -7.81 -28.02 -15.32
CA GLY A 394 -7.22 -27.34 -14.18
C GLY A 394 -6.82 -25.93 -14.54
N ALA A 395 -6.34 -25.73 -15.77
CA ALA A 395 -5.98 -24.39 -16.22
C ALA A 395 -7.20 -23.47 -16.25
N VAL A 396 -8.34 -23.98 -16.71
CA VAL A 396 -9.56 -23.18 -16.69
C VAL A 396 -10.09 -23.02 -15.27
N ILE A 397 -9.89 -24.04 -14.43
CA ILE A 397 -10.25 -23.91 -13.02
C ILE A 397 -9.41 -22.83 -12.35
N ILE A 398 -8.14 -22.72 -12.76
CA ILE A 398 -7.30 -21.63 -12.27
C ILE A 398 -7.88 -20.29 -12.70
N LEU A 399 -8.45 -20.22 -13.90
CA LEU A 399 -9.07 -18.98 -14.36
C LEU A 399 -10.50 -18.81 -13.87
N LEU A 400 -11.19 -19.90 -13.51
CA LEU A 400 -12.54 -19.75 -13.01
C LEU A 400 -12.57 -19.10 -11.63
N VAL A 401 -11.47 -19.20 -10.88
CA VAL A 401 -11.42 -18.63 -9.53
C VAL A 401 -10.74 -17.27 -9.58
N GLU A 402 -10.55 -16.75 -10.80
CA GLU A 402 -9.93 -15.45 -11.01
C GLU A 402 -10.84 -14.44 -11.68
N ILE A 403 -11.85 -14.88 -12.44
CA ILE A 403 -12.75 -13.96 -13.11
C ILE A 403 -13.64 -13.24 -12.10
N GLY A 422 2.11 -11.36 -3.88
CA GLY A 422 2.01 -10.39 -4.95
C GLY A 422 2.39 -10.97 -6.29
N PRO A 423 3.66 -10.77 -6.69
CA PRO A 423 4.15 -11.33 -7.97
C PRO A 423 3.75 -12.76 -8.25
N PHE A 424 3.54 -13.56 -7.19
CA PHE A 424 3.05 -14.92 -7.37
C PHE A 424 1.62 -14.97 -7.88
N HIS A 425 0.94 -13.82 -7.99
CA HIS A 425 -0.40 -13.78 -8.55
C HIS A 425 -0.37 -13.73 -10.07
N VAL A 426 0.65 -13.09 -10.66
CA VAL A 426 0.76 -13.03 -12.11
C VAL A 426 1.45 -14.26 -12.70
N ILE A 427 2.15 -15.05 -11.88
CA ILE A 427 2.82 -16.23 -12.40
C ILE A 427 1.81 -17.35 -12.68
N ILE A 428 0.76 -17.47 -11.86
CA ILE A 428 -0.22 -18.53 -12.04
C ILE A 428 -1.19 -18.26 -13.18
N VAL A 429 -1.42 -16.99 -13.54
CA VAL A 429 -2.40 -16.66 -14.56
C VAL A 429 -1.79 -16.76 -15.96
N THR A 430 -0.57 -16.26 -16.17
CA THR A 430 0.08 -16.44 -17.46
C THR A 430 0.52 -17.89 -17.66
N TYR A 431 0.60 -18.67 -16.60
CA TYR A 431 0.86 -20.11 -16.74
C TYR A 431 -0.29 -20.79 -17.47
N ALA A 432 -1.51 -20.64 -16.95
CA ALA A 432 -2.67 -21.25 -17.59
C ALA A 432 -2.99 -20.62 -18.93
N PHE A 433 -2.53 -19.39 -19.17
CA PHE A 433 -2.71 -18.77 -20.49
C PHE A 433 -1.90 -19.51 -21.55
N MET A 434 -0.65 -19.86 -21.23
CA MET A 434 0.17 -20.64 -22.16
C MET A 434 -0.40 -22.03 -22.38
N VAL A 435 -1.18 -22.55 -21.43
CA VAL A 435 -1.79 -23.86 -21.59
C VAL A 435 -2.82 -23.83 -22.72
N LEU A 436 -3.65 -22.79 -22.76
CA LEU A 436 -4.66 -22.70 -23.81
C LEU A 436 -4.04 -22.36 -25.16
N VAL A 437 -2.96 -21.58 -25.17
CA VAL A 437 -2.29 -21.26 -26.43
C VAL A 437 -1.58 -22.48 -26.99
N THR A 438 -1.00 -23.31 -26.11
CA THR A 438 -0.44 -24.57 -26.56
C THR A 438 -1.52 -25.49 -27.09
N MET A 439 -2.71 -25.45 -26.47
CA MET A 439 -3.85 -26.16 -27.03
C MET A 439 -4.26 -25.59 -28.38
N VAL A 440 -3.94 -24.32 -28.64
CA VAL A 440 -4.19 -23.71 -29.94
C VAL A 440 -3.05 -24.03 -30.91
N MET A 441 -1.81 -24.09 -30.40
CA MET A 441 -0.73 -24.56 -31.24
C MET A 441 -0.89 -26.05 -31.53
N ARG A 442 -1.42 -26.81 -30.57
CA ARG A 442 -1.98 -28.11 -30.86
C ARG A 442 -3.25 -27.92 -31.69
N LEU A 443 -3.63 -28.97 -32.42
CA LEU A 443 -4.78 -28.94 -33.34
C LEU A 443 -4.51 -28.03 -34.53
N THR A 444 -3.41 -27.27 -34.47
CA THR A 444 -2.88 -26.54 -35.62
C THR A 444 -1.46 -26.98 -35.93
N ASN A 445 -0.70 -27.46 -34.94
CA ASN A 445 0.57 -28.14 -35.15
C ASN A 445 1.59 -27.24 -35.86
N SER A 446 1.81 -26.07 -35.28
CA SER A 446 2.81 -25.15 -35.83
C SER A 446 4.22 -25.66 -35.52
N ASP A 447 5.18 -25.19 -36.30
CA ASP A 447 6.57 -25.54 -36.08
C ASP A 447 7.11 -24.91 -34.79
N GLY A 448 6.51 -23.81 -34.35
CA GLY A 448 6.81 -23.26 -33.04
C GLY A 448 5.93 -23.87 -31.98
N GLU A 449 5.78 -25.19 -32.00
CA GLU A 449 4.98 -25.90 -31.01
C GLU A 449 5.68 -26.05 -29.67
N VAL A 450 6.91 -25.57 -29.55
CA VAL A 450 7.67 -25.70 -28.32
C VAL A 450 7.78 -24.38 -27.56
N VAL A 451 7.75 -23.24 -28.25
CA VAL A 451 7.87 -21.95 -27.57
C VAL A 451 6.72 -21.70 -26.59
N PRO A 452 5.44 -21.91 -26.94
CA PRO A 452 4.39 -21.71 -25.92
C PRO A 452 4.37 -22.80 -24.88
N MET A 453 4.81 -24.02 -25.22
CA MET A 453 4.83 -25.11 -24.26
C MET A 453 5.95 -24.95 -23.24
N SER A 454 6.95 -24.12 -23.51
CA SER A 454 8.11 -24.03 -22.63
C SER A 454 7.87 -23.04 -21.49
N PHE A 455 7.15 -21.95 -21.75
CA PHE A 455 6.93 -20.95 -20.72
C PHE A 455 6.11 -21.50 -19.55
N ALA A 456 5.29 -22.52 -19.81
CA ALA A 456 4.47 -23.12 -18.76
C ALA A 456 5.26 -24.01 -17.82
N LEU A 457 6.50 -24.36 -18.16
CA LEU A 457 7.30 -25.19 -17.27
C LEU A 457 7.86 -24.37 -16.10
N VAL A 458 8.50 -23.24 -16.40
CA VAL A 458 9.10 -22.44 -15.34
C VAL A 458 8.03 -21.79 -14.48
N LEU A 459 6.96 -21.30 -15.11
CA LEU A 459 5.90 -20.63 -14.36
C LEU A 459 5.14 -21.60 -13.48
N GLY A 460 5.10 -22.88 -13.85
CA GLY A 460 4.40 -23.86 -13.02
C GLY A 460 5.12 -24.14 -11.72
N TRP A 461 6.45 -24.14 -11.74
CA TRP A 461 7.22 -24.39 -10.53
C TRP A 461 7.53 -23.09 -9.77
N CYS A 462 7.94 -22.04 -10.49
CA CYS A 462 8.16 -20.76 -9.83
C CYS A 462 6.92 -20.27 -9.10
N ASN A 463 5.75 -20.81 -9.41
CA ASN A 463 4.54 -20.56 -8.64
C ASN A 463 4.31 -21.59 -7.54
N VAL A 464 5.06 -22.71 -7.55
CA VAL A 464 4.97 -23.66 -6.44
C VAL A 464 5.96 -23.33 -5.34
N MET A 465 6.93 -22.45 -5.59
CA MET A 465 7.68 -21.84 -4.51
C MET A 465 6.90 -20.73 -3.83
N TYR A 466 5.76 -20.33 -4.39
CA TYR A 466 4.84 -19.45 -3.68
C TYR A 466 4.34 -20.10 -2.40
N PHE A 467 4.29 -21.44 -2.38
CA PHE A 467 3.91 -22.17 -1.18
C PHE A 467 5.01 -22.19 -0.12
N ALA A 468 6.21 -21.72 -0.45
CA ALA A 468 7.20 -21.50 0.60
C ALA A 468 6.77 -20.37 1.53
N ARG A 469 5.95 -19.44 1.03
CA ARG A 469 5.31 -18.44 1.87
C ARG A 469 4.48 -19.14 2.94
N GLY A 470 4.94 -19.09 4.19
CA GLY A 470 4.34 -19.89 5.24
C GLY A 470 5.00 -21.25 5.32
N PHE A 471 4.21 -22.30 5.57
CA PHE A 471 4.72 -23.67 5.63
C PHE A 471 5.79 -23.31 6.66
N GLN A 472 7.04 -23.69 6.40
CA GLN A 472 8.14 -23.36 7.29
C GLN A 472 8.79 -21.98 7.27
N MET A 473 10.01 -21.87 7.81
CA MET A 473 10.70 -20.60 7.88
C MET A 473 11.36 -20.10 6.60
N LEU A 474 11.22 -20.81 5.50
CA LEU A 474 11.70 -20.34 4.20
C LEU A 474 10.76 -19.30 3.58
N GLY A 475 9.71 -18.91 4.28
CA GLY A 475 8.80 -17.89 3.82
C GLY A 475 9.46 -16.53 3.61
N PRO A 476 10.12 -16.01 4.65
CA PRO A 476 10.85 -14.74 4.46
C PRO A 476 11.96 -14.81 3.42
N PHE A 477 12.42 -16.01 3.06
CA PHE A 477 13.40 -16.11 1.98
C PHE A 477 12.75 -15.84 0.62
N THR A 478 11.52 -16.29 0.43
CA THR A 478 10.83 -16.06 -0.84
C THR A 478 10.19 -14.68 -0.90
N ILE A 479 9.86 -14.09 0.25
CA ILE A 479 9.46 -12.69 0.27
C ILE A 479 10.65 -11.76 0.14
N MET A 480 11.86 -12.29 0.34
CA MET A 480 13.07 -11.51 0.10
C MET A 480 13.41 -11.49 -1.39
N ILE A 481 13.33 -12.63 -2.06
CA ILE A 481 13.49 -12.65 -3.51
C ILE A 481 12.30 -11.98 -4.19
N GLN A 482 11.16 -11.87 -3.51
CA GLN A 482 10.01 -11.17 -4.07
C GLN A 482 10.32 -9.69 -4.25
N LYS A 483 11.07 -9.09 -3.31
CA LYS A 483 11.55 -7.73 -3.47
C LYS A 483 12.74 -7.63 -4.40
N MET A 484 13.37 -8.74 -4.75
CA MET A 484 14.56 -8.73 -5.61
C MET A 484 14.21 -8.90 -7.08
N ILE A 485 13.34 -9.85 -7.40
CA ILE A 485 12.95 -10.06 -8.80
C ILE A 485 12.21 -8.84 -9.33
N PHE A 486 11.42 -8.19 -8.48
CA PHE A 486 10.59 -7.06 -8.88
C PHE A 486 11.00 -5.76 -8.22
N GLY A 487 12.26 -5.64 -7.80
CA GLY A 487 12.75 -4.43 -7.18
C GLY A 487 14.04 -3.91 -7.77
N ASP A 488 15.15 -4.57 -7.46
CA ASP A 488 16.45 -4.14 -7.95
C ASP A 488 16.80 -4.76 -9.31
N LEU A 489 16.34 -5.98 -9.58
CA LEU A 489 16.70 -6.66 -10.82
C LEU A 489 16.26 -5.85 -12.04
N MET A 490 15.00 -5.39 -12.05
CA MET A 490 14.50 -4.61 -13.18
C MET A 490 15.23 -3.27 -13.32
N ARG A 491 15.91 -2.83 -12.26
CA ARG A 491 16.74 -1.63 -12.33
C ARG A 491 18.22 -1.93 -12.48
N PHE A 492 18.69 -3.06 -11.94
CA PHE A 492 20.10 -3.40 -12.01
C PHE A 492 20.49 -3.87 -13.41
N CYS A 493 19.55 -4.46 -14.15
CA CYS A 493 19.85 -4.93 -15.49
C CYS A 493 20.14 -3.78 -16.46
N TRP A 494 19.57 -2.60 -16.20
CA TRP A 494 19.85 -1.46 -17.07
C TRP A 494 21.32 -1.09 -17.04
N LEU A 495 22.00 -1.35 -15.92
CA LEU A 495 23.42 -1.06 -15.82
C LEU A 495 24.29 -2.20 -16.34
N MET A 496 23.77 -3.42 -16.36
CA MET A 496 24.55 -4.54 -16.90
C MET A 496 24.42 -4.64 -18.41
N ALA A 497 23.21 -4.41 -18.93
CA ALA A 497 23.05 -4.31 -20.38
C ALA A 497 23.94 -3.21 -20.95
N VAL A 498 24.08 -2.11 -20.22
CA VAL A 498 24.98 -1.04 -20.65
C VAL A 498 26.40 -1.56 -20.77
N VAL A 499 26.88 -2.30 -19.77
CA VAL A 499 28.23 -2.82 -19.81
C VAL A 499 28.38 -3.88 -20.90
N ILE A 500 27.35 -4.72 -21.08
CA ILE A 500 27.44 -5.78 -22.08
C ILE A 500 27.38 -5.18 -23.49
N LEU A 501 26.45 -4.25 -23.73
CA LEU A 501 26.32 -3.65 -25.06
C LEU A 501 27.54 -2.85 -25.48
N GLY A 502 28.50 -2.62 -24.58
CA GLY A 502 29.74 -1.99 -24.94
C GLY A 502 30.82 -3.01 -25.26
N PHE A 503 30.86 -4.10 -24.51
CA PHE A 503 31.86 -5.15 -24.70
C PHE A 503 31.40 -6.21 -25.70
N ALA A 504 30.11 -6.56 -25.69
CA ALA A 504 29.61 -7.51 -26.68
C ALA A 504 29.77 -6.96 -28.09
N SER A 505 29.41 -5.70 -28.31
CA SER A 505 29.60 -5.09 -29.61
C SER A 505 31.06 -4.91 -29.97
N ALA A 506 31.97 -5.02 -28.99
CA ALA A 506 33.40 -4.99 -29.26
C ALA A 506 33.91 -6.37 -29.64
N PHE A 507 33.58 -7.40 -28.85
CA PHE A 507 34.05 -8.75 -29.13
C PHE A 507 33.54 -9.28 -30.47
N TYR A 508 32.45 -8.71 -30.99
CA TYR A 508 31.98 -9.12 -32.31
C TYR A 508 32.87 -8.55 -33.42
N ILE A 509 33.29 -7.29 -33.29
CA ILE A 509 34.15 -6.68 -34.30
C ILE A 509 35.55 -7.26 -34.24
N ILE A 510 35.99 -7.71 -33.06
CA ILE A 510 37.30 -8.32 -32.96
C ILE A 510 37.33 -9.66 -33.65
N PHE A 511 36.25 -10.44 -33.52
CA PHE A 511 36.15 -11.75 -34.15
C PHE A 511 35.32 -11.74 -35.43
N GLN A 512 34.95 -10.55 -35.92
CA GLN A 512 34.39 -10.47 -37.27
C GLN A 512 35.48 -10.65 -38.31
N THR A 513 36.66 -10.08 -38.06
CA THR A 513 37.84 -10.38 -38.87
C THR A 513 38.30 -11.81 -38.70
N GLU A 514 37.95 -12.45 -37.58
CA GLU A 514 38.39 -13.81 -37.28
C GLU A 514 37.35 -14.83 -37.72
N ASP A 515 37.81 -16.07 -37.88
CA ASP A 515 36.98 -17.14 -38.40
C ASP A 515 36.20 -17.80 -37.27
N PRO A 516 34.86 -17.82 -37.35
CA PRO A 516 34.07 -18.40 -36.24
C PRO A 516 34.09 -19.93 -36.20
N ASP A 517 34.81 -20.61 -37.09
CA ASP A 517 34.89 -22.06 -37.01
C ASP A 517 35.54 -22.49 -35.70
N GLU A 518 36.75 -22.00 -35.43
CA GLU A 518 37.43 -22.22 -34.16
C GLU A 518 37.41 -20.92 -33.38
N LEU A 519 36.94 -21.00 -32.13
CA LEU A 519 36.64 -19.83 -31.30
C LEU A 519 35.60 -18.95 -31.98
N GLY A 520 34.39 -19.50 -32.05
CA GLY A 520 33.27 -18.79 -32.64
C GLY A 520 32.27 -18.34 -31.61
N HIS A 521 32.75 -17.99 -30.41
CA HIS A 521 31.86 -17.50 -29.35
C HIS A 521 31.00 -16.35 -29.83
N PHE A 522 31.53 -15.50 -30.71
CA PHE A 522 30.84 -14.33 -31.23
C PHE A 522 30.78 -14.45 -32.75
N TYR A 523 29.66 -14.92 -33.27
CA TYR A 523 29.48 -15.09 -34.71
C TYR A 523 28.29 -14.33 -35.26
N ASP A 524 27.12 -14.44 -34.63
CA ASP A 524 25.96 -13.70 -35.07
C ASP A 524 25.97 -12.28 -34.50
N TYR A 525 25.01 -11.48 -34.95
CA TYR A 525 24.76 -10.21 -34.27
C TYR A 525 24.28 -10.42 -32.85
N PRO A 526 23.29 -11.30 -32.55
CA PRO A 526 22.85 -11.46 -31.16
C PRO A 526 23.70 -12.43 -30.33
N MET A 527 24.18 -13.50 -30.95
CA MET A 527 24.93 -14.52 -30.20
C MET A 527 26.26 -13.99 -29.69
N ALA A 528 26.83 -12.98 -30.34
CA ALA A 528 27.98 -12.27 -29.80
C ALA A 528 27.63 -11.59 -28.47
N LEU A 529 26.36 -11.22 -28.29
CA LEU A 529 25.92 -10.65 -27.03
C LEU A 529 25.61 -11.74 -26.01
N PHE A 530 25.06 -12.87 -26.46
CA PHE A 530 24.74 -13.97 -25.58
C PHE A 530 26.00 -14.59 -24.97
N SER A 531 27.03 -14.77 -25.80
CA SER A 531 28.30 -15.27 -25.26
C SER A 531 28.93 -14.26 -24.30
N THR A 532 28.83 -12.97 -24.63
CA THR A 532 29.30 -11.94 -23.70
C THR A 532 28.46 -11.91 -22.43
N PHE A 533 27.17 -12.19 -22.55
CA PHE A 533 26.32 -12.29 -21.37
C PHE A 533 26.77 -13.42 -20.46
N GLU A 534 27.00 -14.61 -21.04
CA GLU A 534 27.53 -15.73 -20.26
C GLU A 534 28.91 -15.38 -19.69
N LEU A 535 29.79 -14.81 -20.54
CA LEU A 535 31.12 -14.44 -20.07
C LEU A 535 31.04 -13.37 -18.98
N PHE A 536 29.99 -12.56 -18.97
CA PHE A 536 29.76 -11.67 -17.84
C PHE A 536 29.44 -12.44 -16.58
N LEU A 537 29.08 -13.72 -16.70
CA LEU A 537 28.80 -14.57 -15.56
C LEU A 537 29.80 -15.72 -15.44
N THR A 538 30.88 -15.69 -16.23
CA THR A 538 31.97 -16.67 -16.20
C THR A 538 31.48 -18.11 -16.31
N ILE A 539 30.30 -18.33 -16.90
CA ILE A 539 29.87 -19.70 -17.16
C ILE A 539 30.74 -20.33 -18.24
N ILE A 540 31.05 -19.56 -19.28
CA ILE A 540 31.85 -20.06 -20.39
C ILE A 540 33.31 -20.13 -19.99
N ASP A 541 34.03 -21.08 -20.58
CA ASP A 541 35.47 -21.21 -20.41
C ASP A 541 36.21 -19.91 -20.69
N GLY A 542 35.57 -18.95 -21.36
CA GLY A 542 36.24 -17.78 -21.85
C GLY A 542 36.86 -18.09 -23.19
N PRO A 543 36.64 -17.23 -24.17
CA PRO A 543 37.19 -17.46 -25.52
C PRO A 543 38.68 -17.78 -25.50
N ALA A 544 39.01 -19.00 -25.09
CA ALA A 544 40.38 -19.42 -24.88
C ALA A 544 40.72 -20.51 -25.90
N ASN A 545 41.11 -20.07 -27.09
CA ASN A 545 41.66 -20.95 -28.12
C ASN A 545 43.14 -20.65 -28.25
N TYR A 546 43.98 -21.65 -27.98
CA TYR A 546 45.42 -21.46 -27.97
C TYR A 546 46.10 -21.97 -29.23
N ASP A 547 45.39 -22.71 -30.08
CA ASP A 547 45.99 -23.18 -31.33
C ASP A 547 46.10 -22.04 -32.33
N VAL A 548 45.07 -21.20 -32.42
CA VAL A 548 45.06 -20.07 -33.35
C VAL A 548 45.78 -18.89 -32.71
N ASP A 549 46.08 -17.87 -33.52
CA ASP A 549 46.66 -16.62 -33.01
C ASP A 549 45.52 -15.67 -32.68
N LEU A 550 45.30 -15.43 -31.39
CA LEU A 550 44.24 -14.52 -30.98
C LEU A 550 44.52 -13.12 -31.51
N PRO A 551 43.53 -12.42 -32.02
CA PRO A 551 43.75 -11.05 -32.50
C PRO A 551 44.28 -10.15 -31.39
N PHE A 552 45.06 -9.15 -31.79
CA PHE A 552 45.74 -8.29 -30.82
C PHE A 552 44.76 -7.52 -29.96
N MET A 553 43.53 -7.32 -30.42
CA MET A 553 42.54 -6.54 -29.68
C MET A 553 41.63 -7.40 -28.80
N TYR A 554 41.62 -8.73 -28.98
CA TYR A 554 40.88 -9.57 -28.06
C TYR A 554 41.63 -9.76 -26.75
N SER A 555 42.94 -10.03 -26.84
CA SER A 555 43.77 -10.20 -25.64
C SER A 555 43.88 -8.91 -24.82
N ILE A 556 43.36 -7.79 -25.33
CA ILE A 556 43.36 -6.53 -24.62
C ILE A 556 41.97 -6.19 -24.10
N THR A 557 40.94 -6.43 -24.90
CA THR A 557 39.58 -6.02 -24.53
C THR A 557 38.98 -6.95 -23.50
N TYR A 558 39.27 -8.26 -23.58
CA TYR A 558 38.68 -9.19 -22.62
C TYR A 558 39.24 -8.99 -21.22
N ALA A 559 40.51 -8.61 -21.10
CA ALA A 559 41.06 -8.29 -19.79
C ALA A 559 40.33 -7.11 -19.17
N ALA A 560 40.00 -6.10 -19.99
CA ALA A 560 39.22 -4.97 -19.51
C ALA A 560 37.79 -5.37 -19.18
N PHE A 561 37.27 -6.40 -19.83
CA PHE A 561 35.93 -6.86 -19.52
C PHE A 561 35.90 -7.67 -18.23
N ALA A 562 36.93 -8.49 -17.99
CA ALA A 562 36.94 -9.34 -16.80
C ALA A 562 36.96 -8.52 -15.53
N ILE A 563 37.77 -7.45 -15.51
CA ILE A 563 37.86 -6.62 -14.31
C ILE A 563 36.54 -5.87 -14.06
N ILE A 564 36.04 -5.19 -15.09
CA ILE A 564 34.83 -4.40 -14.92
C ILE A 564 33.63 -5.30 -14.68
N ALA A 565 33.59 -6.48 -15.28
CA ALA A 565 32.50 -7.41 -14.99
C ALA A 565 32.50 -7.83 -13.52
N THR A 566 33.69 -8.01 -12.94
CA THR A 566 33.77 -8.33 -11.52
C THR A 566 33.48 -7.11 -10.66
N LEU A 567 33.94 -5.92 -11.08
CA LEU A 567 33.68 -4.72 -10.30
C LEU A 567 32.22 -4.31 -10.35
N LEU A 568 31.45 -4.77 -11.33
CA LEU A 568 30.00 -4.63 -11.29
C LEU A 568 29.32 -5.79 -10.57
N MET A 569 30.01 -6.92 -10.44
CA MET A 569 29.48 -8.04 -9.66
C MET A 569 29.78 -7.87 -8.18
N LEU A 570 30.99 -7.45 -7.84
CA LEU A 570 31.34 -7.24 -6.43
C LEU A 570 30.60 -6.05 -5.86
N ASN A 571 30.39 -5.01 -6.67
CA ASN A 571 29.63 -3.85 -6.21
C ASN A 571 28.13 -4.14 -6.15
N LEU A 572 27.66 -5.18 -6.81
CA LEU A 572 26.27 -5.59 -6.64
C LEU A 572 26.08 -6.41 -5.37
N LEU A 573 27.09 -7.19 -4.98
CA LEU A 573 27.00 -7.96 -3.75
C LEU A 573 27.00 -7.04 -2.53
N ILE A 574 27.80 -5.97 -2.56
CA ILE A 574 27.83 -5.03 -1.45
C ILE A 574 26.53 -4.23 -1.38
N ALA A 575 25.89 -4.01 -2.53
CA ALA A 575 24.64 -3.24 -2.57
C ALA A 575 23.48 -3.94 -1.86
N MET A 576 23.61 -5.23 -1.58
CA MET A 576 22.57 -5.98 -0.88
C MET A 576 22.70 -5.89 0.63
N MET A 577 23.74 -5.23 1.14
CA MET A 577 23.97 -5.18 2.57
C MET A 577 23.11 -4.16 3.29
N GLY A 578 22.35 -3.35 2.55
CA GLY A 578 21.47 -2.36 3.19
C GLY A 578 20.35 -2.99 3.99
N ASP A 579 20.07 -4.27 3.77
CA ASP A 579 19.02 -4.97 4.50
C ASP A 579 19.66 -6.04 5.38
N THR A 580 20.40 -5.59 6.40
CA THR A 580 21.18 -6.50 7.22
C THR A 580 21.30 -6.02 8.66
N HIS A 581 21.12 -4.72 8.88
CA HIS A 581 21.35 -4.11 10.22
C HIS A 581 20.23 -4.94 10.79
N TRP A 582 19.83 -4.63 12.01
CA TRP A 582 18.76 -5.40 12.72
C TRP A 582 17.25 -5.29 12.49
N ARG A 583 16.77 -4.16 11.97
CA ARG A 583 15.35 -3.98 11.74
C ARG A 583 14.90 -4.66 10.46
N VAL A 584 15.79 -4.79 9.47
CA VAL A 584 15.39 -5.35 8.19
C VAL A 584 15.18 -6.86 8.30
N ALA A 585 15.89 -7.52 9.21
CA ALA A 585 15.55 -8.89 9.55
C ALA A 585 14.21 -8.96 10.27
N HIS A 586 13.85 -7.87 10.97
CA HIS A 586 12.53 -7.78 11.61
C HIS A 586 11.46 -7.29 10.64
N GLU A 587 11.83 -6.50 9.64
CA GLU A 587 10.85 -5.99 8.69
C GLU A 587 10.33 -7.09 7.78
N ARG A 588 11.24 -7.90 7.22
CA ARG A 588 10.80 -8.97 6.33
C ARG A 588 10.16 -10.11 7.10
N ASP A 589 10.61 -10.37 8.33
CA ASP A 589 9.94 -11.35 9.17
C ASP A 589 8.54 -10.85 9.55
N GLU A 590 8.40 -9.54 9.77
CA GLU A 590 7.08 -8.96 9.98
C GLU A 590 6.28 -8.97 8.67
N LEU A 591 6.95 -8.75 7.54
CA LEU A 591 6.26 -8.80 6.26
C LEU A 591 5.95 -10.24 5.85
N TRP A 592 6.75 -11.20 6.31
CA TRP A 592 6.39 -12.60 6.10
C TRP A 592 5.12 -12.94 6.87
N ARG A 593 5.06 -12.55 8.14
CA ARG A 593 3.83 -12.73 8.91
C ARG A 593 2.67 -11.96 8.30
N ALA A 594 2.97 -10.84 7.61
CA ALA A 594 1.93 -10.11 6.91
C ALA A 594 1.31 -10.97 5.80
N GLN A 595 2.15 -11.47 4.90
CA GLN A 595 1.64 -12.35 3.84
C GLN A 595 1.20 -13.71 4.39
N VAL A 596 1.57 -14.05 5.62
CA VAL A 596 1.03 -15.25 6.24
C VAL A 596 -0.42 -15.02 6.67
N VAL A 597 -0.67 -13.90 7.36
CA VAL A 597 -2.04 -13.55 7.72
C VAL A 597 -2.86 -13.24 6.48
N ALA A 598 -2.22 -12.70 5.44
CA ALA A 598 -2.94 -12.39 4.20
C ALA A 598 -3.47 -13.66 3.56
N THR A 599 -2.65 -14.70 3.47
CA THR A 599 -3.10 -15.96 2.92
C THR A 599 -4.14 -16.63 3.82
N THR A 600 -4.05 -16.41 5.13
CA THR A 600 -4.99 -17.02 6.05
C THR A 600 -6.41 -16.51 5.81
N VAL A 601 -6.56 -15.20 5.53
CA VAL A 601 -7.88 -14.67 5.25
C VAL A 601 -8.36 -15.06 3.86
N MET A 602 -7.43 -15.36 2.95
CA MET A 602 -7.84 -15.74 1.59
C MET A 602 -8.60 -17.07 1.60
N LEU A 603 -8.10 -18.05 2.34
CA LEU A 603 -8.73 -19.38 2.36
C LEU A 603 -10.09 -19.36 3.06
N GLU A 604 -10.33 -18.41 3.96
CA GLU A 604 -11.59 -18.38 4.69
C GLU A 604 -12.77 -17.94 3.83
N ARG A 605 -12.52 -17.32 2.69
CA ARG A 605 -13.60 -16.77 1.88
C ARG A 605 -14.08 -17.73 0.79
N LYS A 606 -13.16 -18.44 0.13
CA LYS A 606 -13.53 -19.31 -0.97
C LYS A 606 -13.87 -20.73 -0.51
N LEU A 607 -13.29 -21.19 0.59
CA LEU A 607 -13.59 -22.51 1.11
C LEU A 607 -15.04 -22.57 1.61
N PRO A 608 -15.63 -23.77 1.62
CA PRO A 608 -17.00 -23.90 2.16
C PRO A 608 -17.05 -23.66 3.67
N ARG A 609 -18.20 -23.96 4.28
CA ARG A 609 -18.39 -23.71 5.71
C ARG A 609 -18.68 -24.97 6.51
N CYS A 610 -18.79 -26.14 5.89
CA CYS A 610 -18.94 -27.37 6.66
C CYS A 610 -17.67 -27.73 7.42
N LEU A 611 -16.53 -27.12 7.08
CA LEU A 611 -15.34 -27.12 7.91
C LEU A 611 -14.98 -25.68 8.23
N TRP A 612 -13.97 -25.50 9.10
CA TRP A 612 -13.44 -24.20 9.48
C TRP A 612 -14.38 -23.27 10.25
N PRO A 613 -14.62 -23.53 11.53
CA PRO A 613 -15.52 -22.69 12.32
C PRO A 613 -15.11 -21.24 12.53
N ARG A 614 -16.05 -20.47 13.08
CA ARG A 614 -15.81 -19.05 13.32
C ARG A 614 -14.94 -18.85 14.55
N SER A 615 -14.21 -17.74 14.55
CA SER A 615 -13.29 -17.42 15.64
C SER A 615 -14.04 -17.24 16.96
N GLY A 616 -13.49 -17.82 18.02
CA GLY A 616 -14.03 -17.65 19.35
C GLY A 616 -15.30 -18.44 19.60
N ILE A 617 -16.08 -17.95 20.56
CA ILE A 617 -17.33 -18.57 20.97
C ILE A 617 -18.39 -17.47 21.03
N CYS A 618 -19.55 -17.72 20.43
CA CYS A 618 -20.59 -16.72 20.30
C CYS A 618 -21.23 -16.41 21.66
N GLY A 619 -22.15 -15.45 21.65
CA GLY A 619 -22.75 -14.98 22.88
C GLY A 619 -24.12 -15.55 23.19
N ARG A 620 -24.42 -16.73 22.67
CA ARG A 620 -25.67 -17.41 22.98
C ARG A 620 -25.42 -18.62 23.86
N GLU A 621 -26.44 -18.97 24.65
CA GLU A 621 -26.37 -20.01 25.66
C GLU A 621 -25.41 -19.58 26.77
N TYR A 622 -24.87 -18.38 26.64
CA TYR A 622 -24.14 -17.70 27.70
C TYR A 622 -24.65 -16.27 27.78
N GLY A 623 -24.76 -15.76 29.00
CA GLY A 623 -25.20 -14.39 29.22
C GLY A 623 -24.27 -13.39 28.56
N LEU A 624 -24.37 -13.25 27.24
CA LEU A 624 -23.54 -12.33 26.49
C LEU A 624 -24.41 -11.60 25.46
N GLY A 625 -23.77 -10.68 24.74
CA GLY A 625 -24.48 -9.82 23.82
C GLY A 625 -24.56 -10.35 22.41
N ASP A 626 -24.45 -11.67 22.24
CA ASP A 626 -24.62 -12.36 20.97
C ASP A 626 -23.58 -11.97 19.92
N ARG A 627 -22.53 -11.24 20.31
CA ARG A 627 -21.47 -10.87 19.37
C ARG A 627 -20.42 -11.97 19.29
CA TRP A 628 -17.91 -14.45 19.19
C TRP A 628 -16.68 -13.82 19.82
N PHE A 629 -16.39 -14.26 21.05
CA PHE A 629 -15.33 -13.70 21.87
C PHE A 629 -14.21 -14.73 22.00
N LEU A 630 -12.98 -14.23 22.14
CA LEU A 630 -11.80 -15.09 22.25
C LEU A 630 -11.21 -14.93 23.65
N ARG A 631 -11.24 -16.02 24.43
CA ARG A 631 -10.74 -16.01 25.80
C ARG A 631 -9.23 -16.16 25.77
N VAL A 632 -8.53 -15.07 26.06
CA VAL A 632 -7.07 -15.03 26.05
C VAL A 632 -6.60 -14.64 27.44
N GLU A 633 -6.05 -15.60 28.17
CA GLU A 633 -5.46 -15.31 29.48
C GLU A 633 -3.97 -15.06 29.32
N ASP A 634 -3.45 -14.12 30.12
CA ASP A 634 -2.05 -13.73 30.07
C ASP A 634 -1.53 -13.62 31.50
N ARG A 635 -0.24 -13.31 31.62
CA ARG A 635 0.42 -13.20 32.91
C ARG A 635 1.33 -11.99 32.91
N GLN A 636 1.27 -11.20 33.98
CA GLN A 636 2.13 -10.05 34.17
C GLN A 636 3.32 -10.46 35.04
N ASP A 637 4.04 -9.48 35.58
CA ASP A 637 5.21 -9.76 36.40
C ASP A 637 5.38 -8.72 37.50
B01 FYY B . -3.44 -16.36 -4.61
C02 FYY B . -2.59 -17.50 -5.38
C03 FYY B . -1.70 -17.15 -6.40
C04 FYY B . -0.96 -18.13 -7.07
C05 FYY B . -1.12 -19.47 -6.72
C06 FYY B . -2.00 -19.83 -5.72
C07 FYY B . -2.74 -18.84 -5.06
C08 FYY B . -2.66 -15.15 -3.90
C09 FYY B . -1.94 -14.24 -4.67
C10 FYY B . -1.27 -13.19 -4.05
C11 FYY B . -1.31 -13.07 -2.68
C12 FYY B . -2.04 -13.97 -1.92
C13 FYY B . -2.70 -15.02 -2.55
C15 FYY B . -5.57 -17.05 -5.60
C16 FYY B . -6.02 -16.40 -6.91
N17 FYY B . -7.45 -16.21 -6.93
O14 FYY B . -4.73 -16.15 -4.95
BR1 FYY B . -0.39 -11.61 -1.79
CA CA C . 34.72 -24.99 -19.06
#